data_3V48
#
_entry.id   3V48
#
_cell.length_a   79.597
_cell.length_b   79.597
_cell.length_c   161.753
_cell.angle_alpha   90.00
_cell.angle_beta   90.00
_cell.angle_gamma   90.00
#
_symmetry.space_group_name_H-M   'P 43 21 2'
#
loop_
_entity.id
_entity.type
_entity.pdbx_description
1 polymer 'Putative aminoacrylate hydrolase RutD'
2 non-polymer GLYCEROL
3 non-polymer 'THIOCYANATE ION'
4 water water
#
_entity_poly.entity_id   1
_entity_poly.type   'polypeptide(L)'
_entity_poly.pdbx_seq_one_letter_code
;GH(MSE)KLSLSPPPYADAPVVVLISGLGGSGSYWLPQLAVLEQEYQVVCYDQRGTGNNPDTLAEDYSIAQ(MSE)AAEL
HQALVAAGIEHYAVVGHALGALVG(MSE)QLALDYPASVTVLISVNGWLRINAHTRRCFQVRERLLYSGGAQAWVEAQPL
FLYPADW(MSE)AARAPRLEAEDALALAHFQGKNNLLRRLNALKRADFSHHADRIRCPVQIICASDDLLVPTACSSELHA
ALPDSQK(MSE)V(MSE)PYGGHACNVTDPETFNALLLNGLASLLHHREAAL
;
_entity_poly.pdbx_strand_id   A,B
#
# COMPACT_ATOMS: atom_id res chain seq x y z
N GLY A 1 30.56 -3.04 -26.00
CA GLY A 1 29.19 -3.59 -25.82
C GLY A 1 28.08 -2.55 -25.96
N HIS A 2 26.93 -3.01 -26.46
CA HIS A 2 25.73 -2.18 -26.61
C HIS A 2 25.10 -1.76 -25.31
N LYS A 4 24.87 0.00 -22.11
CA LYS A 4 25.63 1.01 -21.34
C LYS A 4 25.57 0.75 -19.85
N LEU A 5 26.71 0.86 -19.18
CA LEU A 5 26.80 0.72 -17.72
C LEU A 5 27.36 1.99 -17.16
N SER A 6 26.90 2.37 -16.00
CA SER A 6 27.43 3.54 -15.32
C SER A 6 28.39 3.12 -14.22
N LEU A 7 29.68 3.21 -14.49
CA LEU A 7 30.75 2.81 -13.53
C LEU A 7 31.22 4.00 -12.71
N SER A 8 31.09 3.91 -11.40
CA SER A 8 31.68 4.90 -10.52
C SER A 8 33.18 4.61 -10.40
N PRO A 9 33.97 5.63 -10.04
CA PRO A 9 35.37 5.36 -9.77
C PRO A 9 35.55 4.50 -8.52
N PRO A 10 36.53 3.59 -8.53
CA PRO A 10 36.82 2.86 -7.29
C PRO A 10 37.43 3.81 -6.27
N PRO A 11 37.06 3.68 -4.98
CA PRO A 11 37.64 4.57 -3.95
C PRO A 11 39.09 4.27 -3.60
N TYR A 12 39.50 3.03 -3.83
CA TYR A 12 40.88 2.59 -3.69
C TYR A 12 41.11 1.41 -4.63
N ALA A 13 42.38 1.07 -4.81
CA ALA A 13 42.79 0.00 -5.73
C ALA A 13 42.11 -1.35 -5.42
N ASP A 14 41.43 -1.92 -6.41
CA ASP A 14 40.85 -3.25 -6.27
C ASP A 14 39.76 -3.25 -5.18
N ALA A 15 39.07 -2.13 -5.05
CA ALA A 15 37.91 -2.06 -4.15
C ALA A 15 36.90 -3.07 -4.68
N PRO A 16 36.19 -3.75 -3.79
CA PRO A 16 35.22 -4.72 -4.33
C PRO A 16 34.16 -4.01 -5.16
N VAL A 17 33.63 -4.70 -6.16
CA VAL A 17 32.61 -4.16 -7.04
C VAL A 17 31.20 -4.52 -6.51
N VAL A 18 30.30 -3.55 -6.55
CA VAL A 18 28.92 -3.76 -6.21
C VAL A 18 28.07 -3.28 -7.38
N VAL A 19 27.27 -4.21 -7.91
CA VAL A 19 26.38 -3.94 -9.02
C VAL A 19 24.98 -3.79 -8.47
N LEU A 20 24.35 -2.66 -8.80
CA LEU A 20 23.00 -2.37 -8.36
C LEU A 20 22.02 -2.65 -9.47
N ILE A 21 21.00 -3.46 -9.16
CA ILE A 21 20.03 -3.86 -10.19
C ILE A 21 18.63 -3.43 -9.77
N SER A 22 18.07 -2.51 -10.54
CA SER A 22 16.79 -1.92 -10.24
C SER A 22 15.65 -2.89 -10.55
N GLY A 23 14.47 -2.52 -10.09
CA GLY A 23 13.26 -3.27 -10.35
C GLY A 23 12.70 -2.95 -11.74
N LEU A 24 11.39 -3.02 -11.85
CA LEU A 24 10.70 -2.95 -13.12
C LEU A 24 10.89 -1.68 -13.93
N GLY A 25 11.00 -0.54 -13.29
CA GLY A 25 11.28 0.70 -13.96
C GLY A 25 12.65 0.67 -14.64
N GLY A 26 13.53 -0.22 -14.17
CA GLY A 26 14.81 -0.52 -14.84
C GLY A 26 15.95 0.49 -14.70
N SER A 27 15.71 1.60 -14.03
CA SER A 27 16.59 2.73 -14.15
C SER A 27 17.72 2.75 -13.13
N GLY A 28 18.93 2.99 -13.60
CA GLY A 28 20.06 3.10 -12.71
C GLY A 28 19.89 4.22 -11.70
N SER A 29 19.21 5.29 -12.09
CA SER A 29 19.04 6.45 -11.20
C SER A 29 18.19 6.13 -9.98
N TYR A 30 17.48 5.04 -10.01
CA TYR A 30 16.76 4.57 -8.81
C TYR A 30 17.66 4.55 -7.54
N TRP A 31 18.93 4.25 -7.75
CA TRP A 31 19.86 4.07 -6.66
C TRP A 31 20.57 5.30 -6.21
N LEU A 32 20.16 6.43 -6.72
CA LEU A 32 20.78 7.72 -6.38
C LEU A 32 21.03 7.90 -4.86
N PRO A 33 20.02 7.65 -4.00
CA PRO A 33 20.27 7.90 -2.57
C PRO A 33 21.25 6.93 -1.86
N GLN A 34 21.65 5.84 -2.52
CA GLN A 34 22.70 4.95 -2.06
C GLN A 34 24.10 5.21 -2.60
N LEU A 35 24.22 5.99 -3.67
CA LEU A 35 25.50 6.08 -4.39
C LEU A 35 26.63 6.69 -3.57
N ALA A 36 26.37 7.84 -2.95
CA ALA A 36 27.40 8.53 -2.21
C ALA A 36 28.00 7.62 -1.15
N VAL A 37 27.18 6.99 -0.32
CA VAL A 37 27.72 6.10 0.73
C VAL A 37 28.44 4.86 0.18
N LEU A 38 27.86 4.25 -0.86
CA LEU A 38 28.45 3.08 -1.48
C LEU A 38 29.80 3.35 -2.16
N GLU A 39 29.91 4.49 -2.83
CA GLU A 39 31.15 4.80 -3.59
C GLU A 39 32.35 5.06 -2.68
N GLN A 40 32.10 5.39 -1.42
CA GLN A 40 33.18 5.55 -0.45
C GLN A 40 33.92 4.23 -0.14
N GLU A 41 33.27 3.09 -0.38
CA GLU A 41 33.84 1.80 0.00
C GLU A 41 33.88 0.74 -1.14
N TYR A 42 33.10 0.95 -2.19
CA TYR A 42 32.93 -0.01 -3.32
C TYR A 42 33.08 0.66 -4.68
N GLN A 43 33.47 -0.11 -5.71
CA GLN A 43 33.26 0.36 -7.09
C GLN A 43 31.84 0.05 -7.41
N VAL A 44 31.04 1.08 -7.63
CA VAL A 44 29.63 0.90 -7.86
C VAL A 44 29.28 0.87 -9.38
N VAL A 45 28.49 -0.11 -9.77
CA VAL A 45 27.94 -0.16 -11.13
C VAL A 45 26.43 -0.04 -11.10
N CYS A 46 25.90 0.92 -11.88
CA CYS A 46 24.46 1.10 -12.11
C CYS A 46 24.19 1.02 -13.58
N TYR A 47 22.98 0.67 -13.95
CA TYR A 47 22.64 0.68 -15.34
C TYR A 47 21.14 0.70 -15.54
N ASP A 48 20.76 1.21 -16.71
CA ASP A 48 19.41 1.06 -17.24
C ASP A 48 19.24 -0.28 -17.92
N GLN A 49 18.23 -1.03 -17.52
CA GLN A 49 18.00 -2.35 -18.16
C GLN A 49 17.59 -2.19 -19.60
N ARG A 50 17.98 -3.18 -20.38
CA ARG A 50 17.65 -3.19 -21.78
C ARG A 50 16.14 -3.06 -21.99
N GLY A 51 15.79 -2.19 -22.92
CA GLY A 51 14.43 -1.80 -23.16
C GLY A 51 13.99 -0.60 -22.33
N THR A 52 14.88 -0.11 -21.48
CA THR A 52 14.53 1.02 -20.62
C THR A 52 15.58 2.12 -20.66
N GLY A 53 15.17 3.34 -20.33
CA GLY A 53 16.12 4.43 -20.08
C GLY A 53 17.08 4.57 -21.24
N ASN A 54 18.38 4.62 -20.96
CA ASN A 54 19.39 4.83 -22.00
C ASN A 54 19.87 3.59 -22.73
N ASN A 55 19.23 2.46 -22.48
CA ASN A 55 19.50 1.22 -23.25
C ASN A 55 18.21 0.79 -23.99
N PRO A 56 17.64 1.68 -24.82
CA PRO A 56 16.37 1.36 -25.48
C PRO A 56 16.51 0.20 -26.42
N ASP A 57 15.39 -0.51 -26.61
CA ASP A 57 15.31 -1.66 -27.47
C ASP A 57 13.88 -2.14 -27.49
N THR A 58 13.52 -2.94 -28.46
CA THR A 58 12.24 -3.64 -28.46
C THR A 58 12.47 -5.08 -28.03
N LEU A 59 12.02 -5.43 -26.82
CA LEU A 59 12.27 -6.76 -26.23
C LEU A 59 11.40 -7.82 -26.88
N ALA A 60 11.99 -8.98 -27.16
CA ALA A 60 11.32 -10.04 -27.88
C ALA A 60 10.41 -10.87 -26.97
N GLU A 61 9.59 -11.69 -27.63
CA GLU A 61 8.53 -12.44 -26.99
C GLU A 61 9.02 -13.45 -25.93
N ASP A 62 10.10 -14.17 -26.23
CA ASP A 62 10.72 -15.13 -25.30
CA ASP A 62 10.63 -15.14 -25.24
C ASP A 62 11.61 -14.52 -24.20
N TYR A 63 11.62 -13.20 -24.08
CA TYR A 63 12.56 -12.53 -23.15
C TYR A 63 12.44 -13.05 -21.74
N SER A 64 13.57 -13.33 -21.11
CA SER A 64 13.55 -13.96 -19.78
C SER A 64 14.59 -13.38 -18.78
N ILE A 65 14.49 -13.81 -17.54
CA ILE A 65 15.41 -13.33 -16.51
C ILE A 65 16.82 -13.87 -16.80
N ALA A 66 16.87 -15.08 -17.37
CA ALA A 66 18.12 -15.68 -17.87
C ALA A 66 18.84 -14.74 -18.83
N GLN A 67 18.10 -14.21 -19.79
CA GLN A 67 18.64 -13.22 -20.72
C GLN A 67 19.05 -11.94 -20.05
N ALA A 69 20.09 -11.45 -16.96
CA ALA A 69 21.39 -11.81 -16.33
C ALA A 69 22.52 -11.91 -17.32
N ALA A 70 22.26 -12.53 -18.48
CA ALA A 70 23.30 -12.71 -19.51
C ALA A 70 23.79 -11.37 -20.02
N GLU A 71 22.83 -10.49 -20.30
CA GLU A 71 23.08 -9.11 -20.77
C GLU A 71 23.94 -8.31 -19.77
N LEU A 72 23.52 -8.28 -18.52
CA LEU A 72 24.28 -7.55 -17.50
C LEU A 72 25.66 -8.20 -17.28
N HIS A 73 25.67 -9.52 -17.19
CA HIS A 73 26.89 -10.23 -16.95
C HIS A 73 27.93 -10.05 -18.04
N GLN A 74 27.49 -10.13 -19.28
CA GLN A 74 28.39 -9.91 -20.40
C GLN A 74 28.89 -8.45 -20.45
N ALA A 75 28.01 -7.49 -20.17
CA ALA A 75 28.41 -6.09 -20.11
C ALA A 75 29.49 -5.90 -19.03
N LEU A 76 29.30 -6.56 -17.88
CA LEU A 76 30.28 -6.49 -16.77
C LEU A 76 31.65 -7.08 -17.14
N VAL A 77 31.64 -8.27 -17.72
CA VAL A 77 32.87 -8.93 -18.16
C VAL A 77 33.58 -8.05 -19.17
N ALA A 78 32.79 -7.45 -20.07
CA ALA A 78 33.34 -6.59 -21.11
C ALA A 78 33.96 -5.31 -20.57
N ALA A 79 33.45 -4.84 -19.42
CA ALA A 79 33.99 -3.65 -18.72
C ALA A 79 35.12 -4.04 -17.77
N GLY A 80 35.51 -5.31 -17.81
CA GLY A 80 36.64 -5.79 -17.01
C GLY A 80 36.29 -6.20 -15.61
N ILE A 81 35.00 -6.37 -15.34
CA ILE A 81 34.54 -6.77 -14.00
C ILE A 81 34.17 -8.27 -14.01
N GLU A 82 34.95 -9.08 -13.29
CA GLU A 82 34.72 -10.54 -13.22
C GLU A 82 34.21 -11.08 -11.89
N HIS A 83 34.30 -10.27 -10.85
CA HIS A 83 33.80 -10.62 -9.53
C HIS A 83 33.11 -9.42 -9.00
N TYR A 84 31.91 -9.62 -8.52
CA TYR A 84 31.09 -8.54 -8.13
C TYR A 84 29.98 -9.03 -7.21
N ALA A 85 29.61 -8.12 -6.32
CA ALA A 85 28.47 -8.19 -5.46
C ALA A 85 27.23 -7.71 -6.25
N VAL A 86 26.07 -8.23 -5.88
CA VAL A 86 24.85 -7.81 -6.49
C VAL A 86 23.93 -7.31 -5.37
N VAL A 87 23.43 -6.10 -5.54
CA VAL A 87 22.29 -5.62 -4.76
C VAL A 87 21.12 -5.45 -5.74
N GLY A 88 20.05 -6.22 -5.54
CA GLY A 88 18.90 -6.14 -6.43
C GLY A 88 17.62 -5.73 -5.75
N HIS A 89 16.88 -4.85 -6.39
CA HIS A 89 15.56 -4.46 -5.97
C HIS A 89 14.51 -5.19 -6.76
N ALA A 90 13.68 -5.94 -6.07
CA ALA A 90 12.49 -6.59 -6.65
C ALA A 90 12.92 -7.47 -7.81
N LEU A 91 12.50 -7.16 -9.03
CA LEU A 91 12.92 -7.86 -10.24
C LEU A 91 14.44 -7.95 -10.28
N GLY A 92 15.12 -6.90 -9.82
CA GLY A 92 16.56 -6.86 -9.76
C GLY A 92 17.13 -7.96 -8.89
N ALA A 93 16.43 -8.25 -7.78
CA ALA A 93 16.80 -9.36 -6.88
C ALA A 93 16.74 -10.69 -7.63
N LEU A 94 15.74 -10.85 -8.50
CA LEU A 94 15.64 -12.09 -9.31
C LEU A 94 16.78 -12.18 -10.33
N VAL A 95 17.12 -11.06 -10.95
CA VAL A 95 18.30 -11.04 -11.83
C VAL A 95 19.54 -11.45 -11.00
N GLY A 96 19.67 -10.92 -9.80
CA GLY A 96 20.80 -11.27 -8.93
C GLY A 96 20.88 -12.73 -8.58
N GLN A 98 19.61 -15.12 -10.40
CA GLN A 98 19.91 -15.76 -11.67
C GLN A 98 21.39 -15.68 -11.94
N LEU A 99 21.98 -14.54 -11.61
CA LEU A 99 23.41 -14.37 -11.80
C LEU A 99 24.18 -15.30 -10.85
N ALA A 100 23.69 -15.45 -9.62
CA ALA A 100 24.33 -16.36 -8.65
C ALA A 100 24.26 -17.81 -9.13
N LEU A 101 23.20 -18.14 -9.86
CA LEU A 101 23.03 -19.49 -10.43
C LEU A 101 23.87 -19.72 -11.69
N ASP A 102 23.86 -18.76 -12.60
CA ASP A 102 24.54 -18.93 -13.89
C ASP A 102 26.02 -18.58 -13.82
N TYR A 103 26.40 -17.67 -12.94
CA TYR A 103 27.81 -17.24 -12.86
C TYR A 103 28.33 -17.29 -11.42
N PRO A 104 28.27 -18.48 -10.80
CA PRO A 104 28.65 -18.60 -9.38
C PRO A 104 30.10 -18.26 -9.07
N ALA A 105 30.96 -18.40 -10.07
CA ALA A 105 32.37 -18.01 -9.94
C ALA A 105 32.55 -16.48 -9.88
N SER A 106 31.55 -15.72 -10.34
CA SER A 106 31.61 -14.26 -10.32
C SER A 106 30.90 -13.59 -9.15
N VAL A 107 29.72 -14.07 -8.79
CA VAL A 107 28.95 -13.36 -7.78
C VAL A 107 29.53 -13.61 -6.39
N THR A 108 29.99 -12.53 -5.76
CA THR A 108 30.64 -12.65 -4.48
C THR A 108 29.58 -12.77 -3.41
N VAL A 109 28.64 -11.82 -3.38
CA VAL A 109 27.55 -11.79 -2.41
C VAL A 109 26.32 -11.17 -3.05
N LEU A 110 25.17 -11.47 -2.46
CA LEU A 110 23.89 -11.03 -3.02
C LEU A 110 23.03 -10.42 -1.93
N ILE A 111 22.50 -9.25 -2.22
CA ILE A 111 21.49 -8.60 -1.41
C ILE A 111 20.20 -8.45 -2.19
N SER A 112 19.13 -8.99 -1.59
CA SER A 112 17.80 -8.93 -2.15
C SER A 112 16.99 -7.89 -1.40
N VAL A 113 16.53 -6.87 -2.10
CA VAL A 113 15.73 -5.86 -1.48
C VAL A 113 14.29 -6.04 -1.95
N ASN A 114 13.43 -6.48 -1.04
CA ASN A 114 12.01 -6.70 -1.32
C ASN A 114 11.86 -7.61 -2.55
N GLY A 115 12.65 -8.68 -2.56
CA GLY A 115 12.62 -9.69 -3.59
C GLY A 115 11.74 -10.86 -3.14
N TRP A 116 11.80 -11.93 -3.90
CA TRP A 116 11.03 -13.11 -3.64
C TRP A 116 11.64 -14.28 -4.36
N LEU A 117 11.28 -15.49 -3.96
CA LEU A 117 11.68 -16.77 -4.61
C LEU A 117 10.87 -17.07 -5.85
N ARG A 118 9.55 -16.90 -5.71
CA ARG A 118 8.65 -16.95 -6.82
C ARG A 118 7.47 -16.04 -6.56
N ILE A 119 6.85 -15.56 -7.62
CA ILE A 119 5.86 -14.54 -7.47
C ILE A 119 4.71 -15.03 -6.57
N ASN A 120 4.40 -14.22 -5.56
CA ASN A 120 3.26 -14.44 -4.65
C ASN A 120 1.91 -14.15 -5.37
N ALA A 121 0.82 -14.76 -4.92
CA ALA A 121 -0.51 -14.43 -5.37
C ALA A 121 -0.84 -12.95 -5.15
N HIS A 122 -0.34 -12.38 -4.05
CA HIS A 122 -0.56 -10.94 -3.79
C HIS A 122 0.09 -10.04 -4.83
N THR A 123 1.34 -10.29 -5.12
CA THR A 123 2.04 -9.55 -6.15
C THR A 123 1.41 -9.73 -7.52
N ARG A 124 0.95 -10.95 -7.84
CA ARG A 124 0.22 -11.17 -9.08
C ARG A 124 -1.01 -10.29 -9.13
N ARG A 125 -1.75 -10.28 -8.03
CA ARG A 125 -2.95 -9.43 -7.93
C ARG A 125 -2.62 -7.96 -8.17
N CYS A 126 -1.56 -7.49 -7.55
CA CYS A 126 -1.10 -6.13 -7.80
C CYS A 126 -0.81 -5.89 -9.30
N PHE A 127 -0.07 -6.79 -9.91
CA PHE A 127 0.32 -6.60 -11.32
C PHE A 127 -0.85 -6.74 -12.26
N GLN A 128 -1.81 -7.60 -11.91
CA GLN A 128 -3.03 -7.66 -12.67
C GLN A 128 -3.74 -6.31 -12.68
N VAL A 129 -3.87 -5.67 -11.52
CA VAL A 129 -4.47 -4.31 -11.44
C VAL A 129 -3.73 -3.32 -12.35
N ARG A 130 -2.41 -3.32 -12.21
CA ARG A 130 -1.59 -2.40 -12.95
C ARG A 130 -1.64 -2.66 -14.47
N GLU A 131 -1.69 -3.93 -14.86
CA GLU A 131 -1.87 -4.32 -16.26
C GLU A 131 -3.16 -3.74 -16.82
N ARG A 132 -4.23 -3.86 -16.03
CA ARG A 132 -5.51 -3.29 -16.44
C ARG A 132 -5.36 -1.81 -16.76
N LEU A 133 -4.63 -1.09 -15.91
CA LEU A 133 -4.44 0.33 -16.11
C LEU A 133 -3.66 0.57 -17.38
N LEU A 134 -2.59 -0.21 -17.57
CA LEU A 134 -1.79 -0.11 -18.79
C LEU A 134 -2.66 -0.25 -20.03
N TYR A 135 -3.39 -1.36 -20.11
CA TYR A 135 -4.21 -1.69 -21.28
C TYR A 135 -5.31 -0.72 -21.55
N SER A 136 -5.90 -0.17 -20.50
CA SER A 136 -7.08 0.70 -20.61
CA SER A 136 -7.07 0.70 -20.68
C SER A 136 -6.75 2.19 -20.67
N GLY A 137 -5.64 2.57 -20.05
CA GLY A 137 -5.30 4.00 -19.94
C GLY A 137 -3.88 4.37 -20.32
N GLY A 138 -3.13 3.39 -20.80
CA GLY A 138 -1.79 3.65 -21.26
C GLY A 138 -0.80 4.04 -20.17
N ALA A 139 0.27 4.64 -20.64
CA ALA A 139 1.36 5.07 -19.85
C ALA A 139 0.87 6.04 -18.78
N GLN A 140 -0.07 6.92 -19.14
CA GLN A 140 -0.53 7.91 -18.15
C GLN A 140 -1.15 7.23 -16.93
N ALA A 141 -1.92 6.19 -17.17
CA ALA A 141 -2.65 5.53 -16.07
C ALA A 141 -1.69 4.62 -15.27
N TRP A 142 -0.78 3.96 -15.97
CA TRP A 142 0.31 3.22 -15.33
C TRP A 142 1.09 4.08 -14.37
N VAL A 143 1.58 5.21 -14.83
CA VAL A 143 2.43 6.12 -14.00
C VAL A 143 1.64 6.72 -12.83
N GLU A 144 0.39 7.06 -13.09
CA GLU A 144 -0.51 7.56 -12.06
C GLU A 144 -0.59 6.58 -10.86
N ALA A 145 -0.70 5.29 -11.13
CA ALA A 145 -0.87 4.27 -10.07
C ALA A 145 0.45 3.86 -9.43
N GLN A 146 1.50 3.97 -10.21
CA GLN A 146 2.81 3.40 -9.85
C GLN A 146 3.28 3.71 -8.41
N PRO A 147 3.28 4.98 -7.99
CA PRO A 147 3.82 5.28 -6.66
C PRO A 147 3.02 4.67 -5.50
N LEU A 148 1.75 4.42 -5.74
CA LEU A 148 0.93 3.77 -4.72
C LEU A 148 1.49 2.40 -4.30
N PHE A 149 2.22 1.75 -5.23
CA PHE A 149 2.80 0.47 -4.98
C PHE A 149 4.21 0.54 -4.44
N LEU A 150 4.77 1.75 -4.43
CA LEU A 150 6.17 1.99 -4.09
C LEU A 150 6.39 2.63 -2.72
N TYR A 151 5.57 3.61 -2.38
CA TYR A 151 5.82 4.48 -1.26
C TYR A 151 4.70 4.47 -0.22
N PRO A 152 5.05 4.68 1.07
CA PRO A 152 3.97 4.93 2.04
C PRO A 152 3.18 6.18 1.66
N ALA A 153 1.89 6.16 2.02
CA ALA A 153 0.97 7.27 1.79
C ALA A 153 1.49 8.58 2.36
N ASP A 154 1.93 8.57 3.60
CA ASP A 154 2.38 9.82 4.23
C ASP A 154 3.61 10.39 3.57
N TRP A 155 4.48 9.50 3.10
CA TRP A 155 5.69 9.91 2.45
C TRP A 155 5.34 10.64 1.17
N ALA A 157 2.30 11.85 0.37
CA ALA A 157 1.39 12.97 0.58
C ALA A 157 2.11 14.28 0.95
N ALA A 158 3.29 14.15 1.52
CA ALA A 158 4.05 15.30 1.98
C ALA A 158 4.92 15.83 0.83
N ARG A 159 4.89 15.14 -0.32
CA ARG A 159 5.83 15.39 -1.39
C ARG A 159 5.17 15.47 -2.76
N ALA A 160 4.01 16.12 -2.81
CA ALA A 160 3.29 16.28 -4.07
C ALA A 160 4.15 16.91 -5.19
N PRO A 161 4.86 18.03 -4.92
CA PRO A 161 5.67 18.62 -6.00
C PRO A 161 6.73 17.68 -6.56
N ARG A 162 7.36 16.89 -5.71
CA ARG A 162 8.32 15.88 -6.15
C ARG A 162 7.66 14.78 -6.95
N LEU A 163 6.55 14.23 -6.45
CA LEU A 163 5.79 13.21 -7.21
C LEU A 163 5.36 13.67 -8.59
N GLU A 164 4.91 14.91 -8.67
CA GLU A 164 4.54 15.51 -9.95
C GLU A 164 5.73 15.56 -10.91
N ALA A 165 6.89 15.95 -10.42
CA ALA A 165 8.05 16.03 -11.29
C ALA A 165 8.53 14.62 -11.67
N GLU A 166 8.51 13.67 -10.73
CA GLU A 166 8.87 12.29 -11.05
C GLU A 166 7.90 11.64 -12.00
N ASP A 167 6.61 11.97 -11.87
CA ASP A 167 5.60 11.41 -12.79
C ASP A 167 5.88 11.88 -14.23
N ALA A 168 6.27 13.14 -14.40
CA ALA A 168 6.55 13.67 -15.74
C ALA A 168 7.80 13.02 -16.33
N LEU A 169 8.81 12.77 -15.50
CA LEU A 169 10.01 12.06 -15.94
C LEU A 169 9.72 10.63 -16.32
N ALA A 170 8.91 9.97 -15.49
CA ALA A 170 8.52 8.60 -15.71
C ALA A 170 7.73 8.44 -17.02
N LEU A 171 6.90 9.42 -17.32
CA LEU A 171 6.09 9.44 -18.54
C LEU A 171 6.98 9.66 -19.79
N ALA A 172 7.87 10.64 -19.72
CA ALA A 172 8.81 10.89 -20.82
C ALA A 172 9.79 9.72 -21.03
N HIS A 173 10.08 8.93 -20.01
CA HIS A 173 11.01 7.81 -20.17
C HIS A 173 10.31 6.46 -20.15
N PHE A 174 9.00 6.47 -20.25
CA PHE A 174 8.22 5.26 -20.13
C PHE A 174 8.80 4.20 -21.08
N GLN A 175 9.08 3.01 -20.54
CA GLN A 175 9.77 1.97 -21.32
C GLN A 175 8.94 1.41 -22.49
N GLY A 176 7.66 1.74 -22.54
CA GLY A 176 6.76 1.33 -23.61
C GLY A 176 6.02 0.04 -23.25
N LYS A 177 4.85 -0.12 -23.85
CA LYS A 177 3.98 -1.28 -23.56
C LYS A 177 4.66 -2.63 -23.83
N ASN A 178 5.25 -2.76 -25.02
CA ASN A 178 5.91 -4.01 -25.40
C ASN A 178 6.91 -4.46 -24.33
N ASN A 179 7.87 -3.58 -24.02
CA ASN A 179 8.98 -3.96 -23.11
C ASN A 179 8.47 -4.23 -21.71
N LEU A 180 7.53 -3.40 -21.27
CA LEU A 180 6.97 -3.52 -19.93
C LEU A 180 6.31 -4.88 -19.82
N LEU A 181 5.53 -5.24 -20.82
CA LEU A 181 4.83 -6.51 -20.84
C LEU A 181 5.78 -7.69 -20.96
N ARG A 182 6.86 -7.53 -21.71
CA ARG A 182 7.85 -8.61 -21.82
C ARG A 182 8.57 -8.83 -20.50
N ARG A 183 8.88 -7.73 -19.82
CA ARG A 183 9.65 -7.75 -18.56
C ARG A 183 8.77 -8.27 -17.43
N LEU A 184 7.50 -7.90 -17.45
CA LEU A 184 6.53 -8.43 -16.51
C LEU A 184 6.33 -9.92 -16.67
N ASN A 185 6.21 -10.37 -17.92
CA ASN A 185 6.16 -11.79 -18.17
C ASN A 185 7.38 -12.54 -17.61
N ALA A 186 8.56 -12.02 -17.92
CA ALA A 186 9.83 -12.51 -17.39
C ALA A 186 9.81 -12.57 -15.85
N LEU A 187 9.33 -11.49 -15.26
CA LEU A 187 9.26 -11.35 -13.82
C LEU A 187 8.39 -12.47 -13.26
N LYS A 188 7.20 -12.64 -13.83
CA LYS A 188 6.23 -13.59 -13.28
C LYS A 188 6.70 -15.03 -13.38
N ARG A 189 7.52 -15.32 -14.37
CA ARG A 189 7.94 -16.70 -14.68
C ARG A 189 9.17 -17.13 -13.93
N ALA A 190 9.93 -16.17 -13.42
CA ALA A 190 11.10 -16.48 -12.59
C ALA A 190 10.65 -17.29 -11.41
N ASP A 191 11.28 -18.45 -11.22
CA ASP A 191 10.97 -19.34 -10.11
C ASP A 191 12.27 -19.99 -9.60
N PHE A 192 12.76 -19.48 -8.49
CA PHE A 192 13.96 -20.01 -7.87
C PHE A 192 13.70 -20.99 -6.73
N SER A 193 12.45 -21.41 -6.54
CA SER A 193 12.09 -22.23 -5.37
C SER A 193 12.75 -23.62 -5.35
N HIS A 194 13.02 -24.16 -6.53
CA HIS A 194 13.75 -25.42 -6.64
C HIS A 194 15.25 -25.27 -6.79
N HIS A 195 15.73 -24.03 -6.86
CA HIS A 195 17.16 -23.74 -7.10
C HIS A 195 17.87 -23.04 -5.99
N ALA A 196 17.17 -22.76 -4.89
CA ALA A 196 17.78 -21.98 -3.80
C ALA A 196 19.07 -22.59 -3.25
N ASP A 197 19.14 -23.93 -3.23
CA ASP A 197 20.38 -24.68 -2.86
C ASP A 197 21.59 -24.26 -3.60
N ARG A 198 21.40 -23.94 -4.87
CA ARG A 198 22.49 -23.55 -5.75
C ARG A 198 22.98 -22.12 -5.51
N ILE A 199 22.16 -21.29 -4.88
CA ILE A 199 22.56 -19.92 -4.49
C ILE A 199 23.42 -20.03 -3.23
N ARG A 200 24.72 -20.22 -3.45
CA ARG A 200 25.62 -20.60 -2.37
C ARG A 200 26.38 -19.44 -1.75
N CYS A 201 26.40 -18.30 -2.43
CA CYS A 201 27.07 -17.13 -1.89
C CYS A 201 26.34 -16.56 -0.69
N PRO A 202 27.03 -15.78 0.14
CA PRO A 202 26.31 -15.13 1.23
C PRO A 202 25.20 -14.23 0.68
N VAL A 203 24.08 -14.22 1.39
CA VAL A 203 22.93 -13.46 1.00
C VAL A 203 22.40 -12.59 2.17
N GLN A 204 22.13 -11.31 1.90
CA GLN A 204 21.30 -10.48 2.80
C GLN A 204 19.95 -10.28 2.15
N ILE A 205 18.91 -10.46 2.96
CA ILE A 205 17.55 -10.18 2.61
C ILE A 205 17.08 -8.93 3.39
N ILE A 206 16.74 -7.87 2.67
CA ILE A 206 16.22 -6.65 3.29
C ILE A 206 14.83 -6.48 2.80
N CYS A 207 13.92 -6.17 3.72
CA CYS A 207 12.56 -5.90 3.31
C CYS A 207 11.96 -4.85 4.22
N ALA A 208 10.76 -4.39 3.84
CA ALA A 208 10.03 -3.38 4.58
C ALA A 208 8.64 -3.92 4.92
N SER A 209 8.28 -3.80 6.17
CA SER A 209 7.01 -4.32 6.66
C SER A 209 5.80 -3.75 5.96
N ASP A 210 5.93 -2.55 5.43
CA ASP A 210 4.85 -1.88 4.76
C ASP A 210 4.93 -1.95 3.23
N ASP A 211 5.73 -2.87 2.69
CA ASP A 211 5.80 -3.07 1.25
C ASP A 211 4.40 -3.53 0.76
N LEU A 212 3.78 -2.75 -0.12
CA LEU A 212 2.43 -3.07 -0.61
C LEU A 212 2.48 -4.09 -1.76
N LEU A 213 3.56 -4.06 -2.56
CA LEU A 213 3.63 -4.84 -3.76
C LEU A 213 4.09 -6.29 -3.53
N VAL A 214 5.05 -6.44 -2.64
CA VAL A 214 5.62 -7.73 -2.26
C VAL A 214 5.49 -7.90 -0.74
N PRO A 215 4.63 -8.81 -0.28
CA PRO A 215 4.57 -9.01 1.15
C PRO A 215 5.94 -9.54 1.70
N THR A 216 6.31 -9.14 2.92
CA THR A 216 7.61 -9.55 3.48
C THR A 216 7.70 -11.08 3.71
N ALA A 217 6.54 -11.75 3.76
CA ALA A 217 6.49 -13.20 3.71
C ALA A 217 7.35 -13.74 2.55
N CYS A 218 7.48 -13.02 1.44
CA CYS A 218 8.40 -13.45 0.39
C CYS A 218 9.84 -13.49 0.85
N SER A 219 10.27 -12.48 1.61
CA SER A 219 11.63 -12.40 2.13
C SER A 219 11.84 -13.51 3.18
N SER A 220 10.79 -13.79 3.96
CA SER A 220 10.84 -14.89 4.94
C SER A 220 11.01 -16.22 4.21
N GLU A 221 10.29 -16.38 3.10
CA GLU A 221 10.42 -17.57 2.25
C GLU A 221 11.86 -17.72 1.70
N LEU A 222 12.42 -16.63 1.21
CA LEU A 222 13.77 -16.64 0.69
C LEU A 222 14.73 -17.06 1.79
N HIS A 223 14.53 -16.47 2.97
CA HIS A 223 15.41 -16.70 4.08
C HIS A 223 15.39 -18.14 4.54
N ALA A 224 14.22 -18.78 4.54
CA ALA A 224 14.11 -20.21 4.88
C ALA A 224 14.79 -21.10 3.84
N ALA A 225 14.71 -20.73 2.57
CA ALA A 225 15.20 -21.57 1.50
C ALA A 225 16.72 -21.40 1.24
N LEU A 226 17.33 -20.29 1.62
CA LEU A 226 18.72 -20.07 1.22
C LEU A 226 19.68 -20.67 2.23
N PRO A 227 20.81 -21.28 1.74
CA PRO A 227 21.79 -21.88 2.64
C PRO A 227 22.54 -20.89 3.54
N ASP A 228 22.85 -19.68 3.04
CA ASP A 228 23.57 -18.70 3.82
C ASP A 228 22.96 -17.29 3.68
N SER A 229 21.90 -17.03 4.46
CA SER A 229 21.20 -15.72 4.45
C SER A 229 20.98 -15.09 5.84
N GLN A 230 20.90 -13.76 5.83
CA GLN A 230 20.48 -12.97 6.98
C GLN A 230 19.33 -12.12 6.47
N LYS A 231 18.33 -11.92 7.33
CA LYS A 231 17.17 -11.14 6.94
C LYS A 231 17.02 -9.94 7.88
N VAL A 233 14.53 -6.49 8.53
CA VAL A 233 13.20 -5.96 8.18
C VAL A 233 13.16 -4.52 8.62
N PRO A 235 10.96 -1.19 9.46
CA PRO A 235 9.59 -1.11 9.89
C PRO A 235 8.67 -0.35 8.91
N TYR A 236 9.25 0.58 8.16
CA TYR A 236 8.54 1.43 7.23
C TYR A 236 9.42 1.74 6.06
N GLY A 237 8.79 2.19 4.98
CA GLY A 237 9.49 2.66 3.81
C GLY A 237 8.91 2.17 2.48
N GLY A 238 8.10 1.12 2.54
CA GLY A 238 7.38 0.64 1.38
C GLY A 238 8.26 -0.22 0.48
N HIS A 239 7.74 -0.50 -0.72
CA HIS A 239 8.51 -1.28 -1.69
C HIS A 239 9.80 -0.60 -2.07
N ALA A 240 9.75 0.73 -2.22
CA ALA A 240 10.92 1.56 -2.55
C ALA A 240 11.62 2.12 -1.28
N CYS A 241 11.93 1.22 -0.33
CA CYS A 241 12.34 1.59 1.02
C CYS A 241 13.72 2.24 1.04
N ASN A 242 14.54 1.93 0.06
CA ASN A 242 15.82 2.68 -0.12
C ASN A 242 15.68 4.16 -0.57
N VAL A 243 14.52 4.49 -1.15
CA VAL A 243 14.21 5.85 -1.63
C VAL A 243 13.54 6.66 -0.52
N THR A 244 12.69 6.01 0.26
CA THR A 244 11.88 6.70 1.24
C THR A 244 12.55 6.86 2.59
N ASP A 245 13.42 5.90 2.96
CA ASP A 245 14.16 5.99 4.23
C ASP A 245 15.60 5.54 3.96
N PRO A 246 16.32 6.32 3.15
CA PRO A 246 17.68 5.93 2.84
C PRO A 246 18.60 5.84 4.06
N GLU A 247 18.32 6.57 5.14
CA GLU A 247 19.23 6.59 6.28
C GLU A 247 19.25 5.21 6.96
N THR A 248 18.07 4.66 7.16
CA THR A 248 17.99 3.30 7.64
C THR A 248 18.46 2.33 6.59
N PHE A 249 18.01 2.50 5.35
CA PHE A 249 18.37 1.52 4.32
C PHE A 249 19.88 1.45 4.12
N ASN A 250 20.50 2.63 3.96
CA ASN A 250 21.95 2.69 3.76
C ASN A 250 22.76 2.03 4.88
N ALA A 251 22.34 2.21 6.12
CA ALA A 251 22.99 1.54 7.25
C ALA A 251 22.91 0.02 7.15
N LEU A 252 21.73 -0.50 6.80
CA LEU A 252 21.57 -1.94 6.61
C LEU A 252 22.40 -2.44 5.44
N LEU A 253 22.42 -1.70 4.34
CA LEU A 253 23.15 -2.07 3.16
C LEU A 253 24.67 -2.08 3.40
N LEU A 254 25.19 -1.03 4.01
CA LEU A 254 26.64 -0.95 4.28
C LEU A 254 27.13 -2.00 5.29
N ASN A 255 26.38 -2.20 6.34
CA ASN A 255 26.68 -3.25 7.29
C ASN A 255 26.50 -4.63 6.68
N GLY A 256 25.47 -4.79 5.87
CA GLY A 256 25.23 -6.06 5.19
C GLY A 256 26.38 -6.44 4.23
N LEU A 257 26.75 -5.52 3.34
CA LEU A 257 27.83 -5.80 2.41
C LEU A 257 29.11 -6.19 3.17
N ALA A 258 29.46 -5.47 4.23
CA ALA A 258 30.66 -5.82 5.01
C ALA A 258 30.54 -7.20 5.68
N SER A 259 29.40 -7.47 6.31
CA SER A 259 29.14 -8.78 6.93
C SER A 259 29.24 -9.91 5.89
N LEU A 260 28.60 -9.72 4.72
CA LEU A 260 28.58 -10.79 3.70
C LEU A 260 29.96 -11.06 3.11
N LEU A 261 30.74 -10.00 2.89
CA LEU A 261 32.08 -10.18 2.34
C LEU A 261 33.01 -10.87 3.38
N HIS A 262 32.73 -10.70 4.67
CA HIS A 262 33.47 -11.40 5.70
C HIS A 262 33.06 -12.86 5.78
N HIS A 263 31.76 -13.15 5.68
CA HIS A 263 31.29 -14.55 5.49
C HIS A 263 31.98 -15.17 4.32
N ARG A 264 32.06 -14.46 3.21
CA ARG A 264 32.68 -15.04 2.04
C ARG A 264 34.18 -15.39 2.34
N GLU A 265 34.87 -14.55 3.11
CA GLU A 265 36.28 -14.78 3.45
C GLU A 265 36.47 -16.09 4.25
N ALA A 266 35.48 -16.41 5.06
CA ALA A 266 35.47 -17.62 5.87
C ALA A 266 35.06 -18.81 4.99
N ALA A 267 34.08 -18.61 4.12
CA ALA A 267 33.66 -19.66 3.18
C ALA A 267 34.70 -19.94 2.09
N LEU A 268 35.53 -18.96 1.73
CA LEU A 268 36.49 -19.12 0.62
C LEU A 268 37.29 -20.38 0.87
N HIS B 2 -37.35 5.46 6.67
CA HIS B 2 -37.01 4.64 5.47
C HIS B 2 -35.99 3.59 5.82
N LYS B 4 -33.32 0.83 6.80
CA LYS B 4 -33.20 -0.29 7.77
C LYS B 4 -31.94 -0.15 8.62
N LEU B 5 -32.09 -0.34 9.93
CA LEU B 5 -30.97 -0.29 10.85
C LEU B 5 -30.89 -1.62 11.57
N SER B 6 -29.68 -2.04 11.90
CA SER B 6 -29.52 -3.23 12.71
C SER B 6 -29.23 -2.84 14.16
N LEU B 7 -30.23 -2.93 15.02
CA LEU B 7 -30.07 -2.62 16.46
C LEU B 7 -29.67 -3.84 17.26
N SER B 8 -28.53 -3.80 17.93
CA SER B 8 -28.13 -4.90 18.81
C SER B 8 -28.89 -4.81 20.13
N PRO B 9 -29.04 -5.96 20.85
CA PRO B 9 -29.65 -5.89 22.19
C PRO B 9 -28.76 -5.13 23.18
N PRO B 10 -29.38 -4.33 24.07
CA PRO B 10 -28.57 -3.63 25.05
C PRO B 10 -28.07 -4.63 26.11
N PRO B 11 -26.82 -4.48 26.58
CA PRO B 11 -26.25 -5.38 27.60
C PRO B 11 -26.83 -5.17 28.99
N TYR B 12 -27.32 -3.96 29.22
CA TYR B 12 -28.02 -3.58 30.44
C TYR B 12 -28.95 -2.40 30.11
N ALA B 13 -29.84 -2.10 31.05
CA ALA B 13 -30.83 -1.03 30.88
C ALA B 13 -30.19 0.32 30.54
N ASP B 14 -30.64 0.92 29.46
CA ASP B 14 -30.22 2.28 29.11
C ASP B 14 -28.71 2.33 28.86
N ALA B 15 -28.16 1.28 28.24
CA ALA B 15 -26.77 1.34 27.79
C ALA B 15 -26.67 2.48 26.77
N PRO B 16 -25.60 3.29 26.84
CA PRO B 16 -25.47 4.31 25.82
C PRO B 16 -25.43 3.71 24.41
N VAL B 17 -25.93 4.47 23.45
CA VAL B 17 -26.04 4.04 22.06
C VAL B 17 -24.78 4.43 21.32
N VAL B 18 -24.24 3.49 20.55
CA VAL B 18 -23.11 3.74 19.66
C VAL B 18 -23.52 3.33 18.24
N VAL B 19 -23.46 4.28 17.31
CA VAL B 19 -23.77 4.05 15.93
C VAL B 19 -22.50 3.91 15.14
N LEU B 20 -22.41 2.83 14.38
CA LEU B 20 -21.24 2.54 13.58
C LEU B 20 -21.49 2.87 12.13
N ILE B 21 -20.62 3.68 11.54
CA ILE B 21 -20.84 4.15 10.17
C ILE B 21 -19.67 3.74 9.32
N SER B 22 -19.97 2.87 8.36
CA SER B 22 -18.95 2.31 7.50
C SER B 22 -18.50 3.30 6.46
N GLY B 23 -17.45 2.91 5.73
CA GLY B 23 -16.93 3.73 4.64
C GLY B 23 -17.69 3.50 3.34
N LEU B 24 -16.97 3.56 2.24
CA LEU B 24 -17.54 3.55 0.92
C LEU B 24 -18.32 2.27 0.52
N GLY B 25 -17.91 1.12 1.02
CA GLY B 25 -18.65 -0.13 0.79
C GLY B 25 -20.03 -0.10 1.45
N GLY B 26 -20.18 0.79 2.43
CA GLY B 26 -21.48 1.07 3.01
C GLY B 26 -22.03 0.02 3.97
N SER B 27 -21.30 -1.06 4.23
CA SER B 27 -21.92 -2.24 4.83
C SER B 27 -21.76 -2.27 6.35
N GLY B 28 -22.85 -2.56 7.05
CA GLY B 28 -22.81 -2.74 8.48
C GLY B 28 -21.91 -3.88 8.88
N SER B 29 -21.77 -4.91 8.04
CA SER B 29 -20.98 -6.07 8.37
C SER B 29 -19.50 -5.77 8.41
N TYR B 30 -19.08 -4.64 7.88
CA TYR B 30 -17.69 -4.17 8.06
C TYR B 30 -17.23 -4.26 9.54
N TRP B 31 -18.15 -3.99 10.45
CA TRP B 31 -17.81 -3.81 11.86
C TRP B 31 -17.85 -5.06 12.66
N LEU B 32 -18.04 -6.19 11.99
CA LEU B 32 -18.15 -7.46 12.69
C LEU B 32 -17.09 -7.67 13.81
N PRO B 33 -15.81 -7.38 13.54
CA PRO B 33 -14.84 -7.70 14.62
C PRO B 33 -14.91 -6.77 15.85
N GLN B 34 -15.67 -5.67 15.75
CA GLN B 34 -15.95 -4.78 16.88
C GLN B 34 -17.27 -5.07 17.61
N LEU B 35 -18.17 -5.84 17.00
CA LEU B 35 -19.53 -5.98 17.54
C LEU B 35 -19.57 -6.63 18.89
N ALA B 36 -18.88 -7.75 19.07
CA ALA B 36 -18.94 -8.47 20.35
C ALA B 36 -18.45 -7.59 21.49
N VAL B 37 -17.28 -6.96 21.37
CA VAL B 37 -16.81 -6.10 22.43
C VAL B 37 -17.73 -4.89 22.67
N LEU B 38 -18.26 -4.30 21.60
CA LEU B 38 -19.11 -3.11 21.73
C LEU B 38 -20.47 -3.44 22.35
N GLU B 39 -21.05 -4.58 21.97
CA GLU B 39 -22.34 -5.00 22.51
C GLU B 39 -22.28 -5.37 23.98
N GLN B 40 -21.08 -5.66 24.47
CA GLN B 40 -20.87 -5.90 25.87
C GLN B 40 -21.06 -4.66 26.75
N GLU B 41 -21.02 -3.48 26.14
CA GLU B 41 -21.08 -2.22 26.89
C GLU B 41 -22.09 -1.20 26.39
N TYR B 42 -22.51 -1.32 25.13
CA TYR B 42 -23.31 -0.32 24.40
C TYR B 42 -24.48 -0.97 23.66
N GLN B 43 -25.51 -0.19 23.40
CA GLN B 43 -26.48 -0.63 22.41
C GLN B 43 -25.91 -0.17 21.07
N VAL B 44 -25.53 -1.14 20.25
CA VAL B 44 -24.84 -0.89 19.03
C VAL B 44 -25.84 -0.79 17.88
N VAL B 45 -25.65 0.22 17.05
CA VAL B 45 -26.38 0.30 15.78
C VAL B 45 -25.41 0.14 14.61
N CYS B 46 -25.75 -0.78 13.69
CA CYS B 46 -25.08 -0.92 12.36
C CYS B 46 -26.09 -0.75 11.29
N TYR B 47 -25.64 -0.36 10.11
CA TYR B 47 -26.56 -0.30 8.99
C TYR B 47 -25.79 -0.31 7.66
N ASP B 48 -26.51 -0.74 6.62
CA ASP B 48 -26.07 -0.57 5.25
C ASP B 48 -26.53 0.77 4.73
N GLN B 49 -25.61 1.52 4.16
CA GLN B 49 -25.94 2.84 3.69
C GLN B 49 -26.88 2.76 2.48
N ARG B 50 -27.69 3.79 2.35
CA ARG B 50 -28.63 3.88 1.25
C ARG B 50 -27.93 3.73 -0.10
N GLY B 51 -28.51 2.90 -0.96
CA GLY B 51 -27.92 2.56 -2.24
C GLY B 51 -26.98 1.35 -2.17
N THR B 52 -26.81 0.80 -0.96
CA THR B 52 -25.95 -0.37 -0.75
C THR B 52 -26.69 -1.46 0.07
N GLY B 53 -26.24 -2.71 -0.08
CA GLY B 53 -26.63 -3.78 0.82
C GLY B 53 -28.14 -3.82 0.93
N ASN B 54 -28.66 -3.95 2.15
CA ASN B 54 -30.09 -4.13 2.31
C ASN B 54 -30.92 -2.86 2.25
N ASN B 55 -30.31 -1.72 1.89
CA ASN B 55 -31.03 -0.46 1.72
C ASN B 55 -30.88 0.03 0.26
N PRO B 56 -31.26 -0.82 -0.72
CA PRO B 56 -31.06 -0.46 -2.10
C PRO B 56 -31.88 0.76 -2.51
N ASP B 57 -31.36 1.49 -3.49
CA ASP B 57 -31.98 2.69 -4.02
C ASP B 57 -31.16 3.14 -5.22
N THR B 58 -31.74 3.98 -6.06
CA THR B 58 -30.95 4.68 -7.07
C THR B 58 -30.69 6.09 -6.58
N LEU B 59 -29.45 6.37 -6.20
CA LEU B 59 -29.09 7.66 -5.60
C LEU B 59 -29.11 8.74 -6.64
N ALA B 60 -29.61 9.91 -6.25
CA ALA B 60 -29.75 11.06 -7.15
C ALA B 60 -28.42 11.80 -7.39
N GLU B 61 -28.44 12.63 -8.43
CA GLU B 61 -27.30 13.42 -8.88
C GLU B 61 -26.80 14.37 -7.80
N ASP B 62 -27.71 15.01 -7.06
CA ASP B 62 -27.29 15.96 -6.01
C ASP B 62 -26.96 15.34 -4.64
N TYR B 63 -26.82 14.01 -4.60
CA TYR B 63 -26.62 13.31 -3.33
C TYR B 63 -25.43 13.88 -2.59
N SER B 64 -25.61 14.14 -1.31
CA SER B 64 -24.55 14.77 -0.52
C SER B 64 -24.35 14.09 0.81
N ILE B 65 -23.28 14.48 1.50
CA ILE B 65 -23.03 13.95 2.85
C ILE B 65 -24.08 14.46 3.84
N ALA B 66 -24.56 15.68 3.60
CA ALA B 66 -25.68 16.27 4.35
C ALA B 66 -26.88 15.33 4.34
N GLN B 67 -27.19 14.79 3.17
CA GLN B 67 -28.28 13.85 2.99
C GLN B 67 -28.00 12.54 3.70
N ALA B 69 -26.08 12.00 6.38
CA ALA B 69 -26.36 12.29 7.81
C ALA B 69 -27.85 12.38 8.15
N ALA B 70 -28.61 13.05 7.28
CA ALA B 70 -30.03 13.25 7.49
C ALA B 70 -30.81 11.91 7.50
N GLU B 71 -30.50 11.05 6.53
CA GLU B 71 -31.04 9.72 6.39
C GLU B 71 -30.81 8.87 7.64
N LEU B 72 -29.56 8.84 8.09
CA LEU B 72 -29.23 8.05 9.28
C LEU B 72 -29.90 8.68 10.50
N HIS B 73 -29.77 9.98 10.67
CA HIS B 73 -30.33 10.63 11.84
C HIS B 73 -31.82 10.44 11.97
N GLN B 74 -32.53 10.58 10.85
CA GLN B 74 -33.97 10.39 10.86
C GLN B 74 -34.35 8.93 11.16
N ALA B 75 -33.62 7.97 10.56
CA ALA B 75 -33.85 6.54 10.88
C ALA B 75 -33.63 6.28 12.40
N LEU B 76 -32.63 6.95 12.98
CA LEU B 76 -32.35 6.79 14.43
C LEU B 76 -33.44 7.36 15.30
N VAL B 77 -33.88 8.58 14.97
CA VAL B 77 -34.96 9.26 15.71
C VAL B 77 -36.19 8.38 15.62
N ALA B 78 -36.42 7.79 14.44
CA ALA B 78 -37.55 6.89 14.20
C ALA B 78 -37.48 5.60 15.00
N ALA B 79 -36.26 5.12 15.26
CA ALA B 79 -36.04 3.94 16.11
C ALA B 79 -36.03 4.31 17.61
N GLY B 80 -36.28 5.58 17.92
CA GLY B 80 -36.37 6.02 19.33
C GLY B 80 -35.03 6.41 19.92
N ILE B 81 -34.04 6.62 19.07
CA ILE B 81 -32.71 6.96 19.52
C ILE B 81 -32.46 8.43 19.25
N GLU B 82 -32.36 9.21 20.33
CA GLU B 82 -32.15 10.64 20.23
C GLU B 82 -30.77 11.14 20.65
N HIS B 83 -30.02 10.29 21.36
CA HIS B 83 -28.66 10.60 21.76
C HIS B 83 -27.79 9.42 21.54
N TYR B 84 -26.68 9.64 20.87
CA TYR B 84 -25.87 8.55 20.41
C TYR B 84 -24.47 9.01 20.10
N ALA B 85 -23.55 8.07 20.30
CA ALA B 85 -22.18 8.17 19.87
C ALA B 85 -22.07 7.72 18.40
N VAL B 86 -21.09 8.27 17.70
CA VAL B 86 -20.83 7.88 16.32
C VAL B 86 -19.38 7.42 16.22
N VAL B 87 -19.17 6.20 15.71
CA VAL B 87 -17.86 5.72 15.30
C VAL B 87 -17.94 5.59 13.79
N GLY B 88 -17.12 6.37 13.09
CA GLY B 88 -17.16 6.35 11.63
C GLY B 88 -15.83 5.98 11.00
N HIS B 89 -15.91 5.15 9.98
CA HIS B 89 -14.74 4.78 9.21
C HIS B 89 -14.71 5.53 7.91
N ALA B 90 -13.66 6.30 7.69
CA ALA B 90 -13.41 6.98 6.45
C ALA B 90 -14.59 7.88 6.07
N LEU B 91 -15.30 7.52 5.02
CA LEU B 91 -16.50 8.27 4.61
C LEU B 91 -17.46 8.35 5.79
N GLY B 92 -17.52 7.28 6.58
CA GLY B 92 -18.35 7.21 7.77
C GLY B 92 -17.99 8.25 8.83
N ALA B 93 -16.69 8.56 8.95
CA ALA B 93 -16.20 9.70 9.80
C ALA B 93 -16.72 11.03 9.31
N LEU B 94 -16.78 11.21 7.99
CA LEU B 94 -17.38 12.44 7.41
C LEU B 94 -18.88 12.56 7.69
N VAL B 95 -19.61 11.47 7.56
CA VAL B 95 -21.01 11.42 7.99
C VAL B 95 -21.12 11.74 9.52
N GLY B 96 -20.21 11.21 10.33
CA GLY B 96 -20.19 11.48 11.76
C GLY B 96 -20.00 12.94 12.07
N GLN B 98 -20.66 15.39 10.03
CA GLN B 98 -21.85 16.05 9.52
C GLN B 98 -22.96 15.93 10.53
N LEU B 99 -23.08 14.77 11.16
CA LEU B 99 -24.09 14.58 12.21
C LEU B 99 -23.78 15.49 13.43
N ALA B 100 -22.51 15.61 13.80
CA ALA B 100 -22.11 16.44 14.94
C ALA B 100 -22.39 17.94 14.68
N LEU B 101 -22.29 18.34 13.41
CA LEU B 101 -22.64 19.69 12.96
C LEU B 101 -24.16 19.91 12.87
N ASP B 102 -24.88 18.99 12.25
CA ASP B 102 -26.31 19.19 12.03
C ASP B 102 -27.18 18.83 13.24
N TYR B 103 -26.72 17.90 14.08
CA TYR B 103 -27.53 17.45 15.23
C TYR B 103 -26.74 17.43 16.53
N PRO B 104 -26.22 18.60 16.92
CA PRO B 104 -25.29 18.65 18.07
C PRO B 104 -25.95 18.27 19.38
N ALA B 105 -27.28 18.44 19.44
CA ALA B 105 -28.04 18.03 20.60
C ALA B 105 -28.12 16.48 20.72
N SER B 106 -27.85 15.77 19.63
CA SER B 106 -27.88 14.31 19.65
C SER B 106 -26.52 13.62 19.80
N VAL B 107 -25.51 14.11 19.09
CA VAL B 107 -24.24 13.38 19.05
C VAL B 107 -23.49 13.57 20.34
N THR B 108 -23.27 12.48 21.06
CA THR B 108 -22.63 12.52 22.37
C THR B 108 -21.13 12.64 22.17
N VAL B 109 -20.55 11.69 21.41
CA VAL B 109 -19.13 11.69 21.10
C VAL B 109 -18.89 11.10 19.71
N LEU B 110 -17.74 11.42 19.14
CA LEU B 110 -17.44 11.04 17.78
C LEU B 110 -16.06 10.42 17.73
N ILE B 111 -16.00 9.26 17.09
CA ILE B 111 -14.73 8.62 16.78
C ILE B 111 -14.58 8.54 15.26
N SER B 112 -13.44 9.05 14.79
CA SER B 112 -13.06 9.09 13.37
C SER B 112 -12.00 8.05 13.16
N VAL B 113 -12.27 7.06 12.31
CA VAL B 113 -11.26 6.07 12.00
C VAL B 113 -10.78 6.31 10.58
N ASN B 114 -9.54 6.77 10.46
CA ASN B 114 -8.88 7.03 9.18
C ASN B 114 -9.77 7.92 8.35
N GLY B 115 -10.26 9.00 8.99
CA GLY B 115 -11.04 10.03 8.35
C GLY B 115 -10.16 11.21 7.96
N TRP B 116 -10.81 12.28 7.55
CA TRP B 116 -10.10 13.47 7.10
C TRP B 116 -11.00 14.71 7.13
N LEU B 117 -10.40 15.91 7.19
CA LEU B 117 -11.16 17.17 7.12
C LEU B 117 -11.66 17.45 5.71
N ARG B 118 -10.78 17.26 4.74
CA ARG B 118 -11.11 17.42 3.35
C ARG B 118 -10.23 16.51 2.52
N ILE B 119 -10.73 16.03 1.41
CA ILE B 119 -10.01 14.99 0.70
C ILE B 119 -8.63 15.50 0.29
N ASN B 120 -7.62 14.73 0.63
CA ASN B 120 -6.22 14.98 0.27
C ASN B 120 -6.00 14.73 -1.23
N ALA B 121 -4.99 15.34 -1.80
CA ALA B 121 -4.54 15.00 -3.17
C ALA B 121 -4.19 13.53 -3.32
N HIS B 122 -3.60 12.93 -2.27
CA HIS B 122 -3.25 11.53 -2.30
C HIS B 122 -4.47 10.61 -2.46
N THR B 123 -5.48 10.84 -1.64
CA THR B 123 -6.71 10.09 -1.70
C THR B 123 -7.40 10.31 -3.04
N ARG B 124 -7.33 11.53 -3.58
CA ARG B 124 -7.86 11.78 -4.93
C ARG B 124 -7.15 10.94 -5.97
N ARG B 125 -5.83 10.90 -5.87
CA ARG B 125 -5.05 10.06 -6.76
C ARG B 125 -5.49 8.59 -6.67
N CYS B 126 -5.66 8.11 -5.45
CA CYS B 126 -6.12 6.74 -5.25
C CYS B 126 -7.46 6.54 -5.98
N PHE B 127 -8.40 7.47 -5.77
CA PHE B 127 -9.73 7.31 -6.38
C PHE B 127 -9.72 7.49 -7.87
N GLN B 128 -8.84 8.33 -8.37
CA GLN B 128 -8.65 8.44 -9.82
C GLN B 128 -8.23 7.07 -10.42
N VAL B 129 -7.31 6.37 -9.76
CA VAL B 129 -6.87 5.02 -10.20
C VAL B 129 -8.03 4.02 -10.14
N ARG B 130 -8.74 4.05 -9.03
CA ARG B 130 -9.86 3.14 -8.80
C ARG B 130 -11.07 3.41 -9.72
N GLU B 131 -11.36 4.69 -10.00
CA GLU B 131 -12.39 5.04 -11.02
C GLU B 131 -12.02 4.49 -12.37
N ARG B 132 -10.76 4.67 -12.76
CA ARG B 132 -10.26 4.14 -14.02
CA ARG B 132 -10.28 4.14 -14.03
C ARG B 132 -10.53 2.64 -14.11
N LEU B 133 -10.31 1.92 -13.00
CA LEU B 133 -10.58 0.49 -12.98
C LEU B 133 -12.07 0.23 -13.13
N LEU B 134 -12.87 0.99 -12.40
CA LEU B 134 -14.33 0.94 -12.54
C LEU B 134 -14.76 1.06 -14.02
N TYR B 135 -14.33 2.15 -14.67
CA TYR B 135 -14.77 2.45 -16.05
C TYR B 135 -14.29 1.43 -17.07
N SER B 136 -13.10 0.88 -16.83
CA SER B 136 -12.49 -0.03 -17.80
C SER B 136 -12.73 -1.50 -17.51
N GLY B 137 -12.89 -1.84 -16.24
CA GLY B 137 -13.03 -3.23 -15.82
C GLY B 137 -14.22 -3.55 -14.92
N GLY B 138 -15.11 -2.58 -14.72
CA GLY B 138 -16.34 -2.78 -13.98
C GLY B 138 -16.16 -3.12 -12.52
N ALA B 139 -17.20 -3.73 -11.97
CA ALA B 139 -17.21 -4.19 -10.61
C ALA B 139 -16.04 -5.17 -10.35
N GLN B 140 -15.75 -6.05 -11.28
CA GLN B 140 -14.71 -7.05 -11.08
C GLN B 140 -13.38 -6.37 -10.84
N ALA B 141 -13.08 -5.34 -11.61
CA ALA B 141 -11.78 -4.68 -11.53
C ALA B 141 -11.74 -3.82 -10.28
N TRP B 142 -12.86 -3.19 -9.96
CA TRP B 142 -12.99 -2.43 -8.71
C TRP B 142 -12.68 -3.29 -7.50
N VAL B 143 -13.35 -4.42 -7.39
CA VAL B 143 -13.23 -5.34 -6.25
C VAL B 143 -11.82 -5.92 -6.16
N GLU B 144 -11.25 -6.27 -7.31
CA GLU B 144 -9.90 -6.76 -7.43
C GLU B 144 -8.90 -5.78 -6.76
N ALA B 145 -9.03 -4.50 -7.04
CA ALA B 145 -8.10 -3.49 -6.50
C ALA B 145 -8.40 -3.12 -5.04
N GLN B 146 -9.67 -3.21 -4.67
CA GLN B 146 -10.16 -2.66 -3.41
C GLN B 146 -9.31 -3.02 -2.15
N PRO B 147 -9.05 -4.30 -1.89
CA PRO B 147 -8.31 -4.65 -0.68
C PRO B 147 -6.90 -4.11 -0.66
N LEU B 148 -6.31 -3.85 -1.80
CA LEU B 148 -4.94 -3.28 -1.85
C LEU B 148 -4.91 -1.90 -1.19
N PHE B 149 -6.04 -1.24 -1.14
CA PHE B 149 -6.20 0.06 -0.47
C PHE B 149 -6.60 -0.02 1.01
N LEU B 150 -6.99 -1.22 1.45
CA LEU B 150 -7.59 -1.47 2.76
C LEU B 150 -6.69 -2.21 3.74
N TYR B 151 -5.95 -3.19 3.24
CA TYR B 151 -5.23 -4.11 4.11
C TYR B 151 -3.73 -4.05 3.83
N PRO B 152 -2.90 -4.29 4.86
CA PRO B 152 -1.49 -4.49 4.52
C PRO B 152 -1.32 -5.74 3.66
N ALA B 153 -0.26 -5.73 2.84
CA ALA B 153 0.11 -6.83 1.97
C ALA B 153 0.24 -8.16 2.72
N ASP B 154 1.02 -8.17 3.81
CA ASP B 154 1.27 -9.41 4.54
C ASP B 154 -0.01 -9.97 5.16
N TRP B 155 -0.86 -9.07 5.59
CA TRP B 155 -2.11 -9.48 6.22
C TRP B 155 -2.97 -10.21 5.20
N ALA B 157 -1.95 -11.39 2.27
CA ALA B 157 -1.28 -12.50 1.58
C ALA B 157 -1.34 -13.78 2.40
N ALA B 158 -1.50 -13.66 3.73
CA ALA B 158 -1.50 -14.83 4.58
C ALA B 158 -2.92 -15.37 4.72
N ARG B 159 -3.89 -14.73 4.05
CA ARG B 159 -5.30 -15.02 4.22
C ARG B 159 -6.01 -15.18 2.89
N ALA B 160 -5.41 -15.93 1.97
CA ALA B 160 -5.99 -16.07 0.64
C ALA B 160 -7.46 -16.54 0.70
N PRO B 161 -7.77 -17.58 1.50
CA PRO B 161 -9.15 -18.08 1.44
C PRO B 161 -10.16 -17.05 1.86
N ARG B 162 -9.81 -16.24 2.84
CA ARG B 162 -10.67 -15.17 3.26
C ARG B 162 -10.80 -14.09 2.15
N LEU B 163 -9.70 -13.65 1.56
CA LEU B 163 -9.77 -12.67 0.45
C LEU B 163 -10.62 -13.14 -0.70
N GLU B 164 -10.50 -14.42 -1.03
CA GLU B 164 -11.30 -15.01 -2.09
C GLU B 164 -12.78 -14.92 -1.74
N ALA B 165 -13.12 -15.23 -0.50
CA ALA B 165 -14.52 -15.22 -0.09
C ALA B 165 -15.02 -13.80 -0.05
N GLU B 166 -14.21 -12.87 0.44
CA GLU B 166 -14.61 -11.46 0.43
C GLU B 166 -14.70 -10.89 -0.99
N ASP B 167 -13.78 -11.27 -1.87
CA ASP B 167 -13.85 -10.77 -3.26
C ASP B 167 -15.15 -11.24 -3.94
N ALA B 168 -15.59 -12.46 -3.61
CA ALA B 168 -16.81 -12.99 -4.22
C ALA B 168 -18.01 -12.26 -3.64
N LEU B 169 -17.97 -11.96 -2.34
CA LEU B 169 -19.03 -11.23 -1.69
C LEU B 169 -19.14 -9.81 -2.21
N ALA B 170 -17.99 -9.12 -2.37
CA ALA B 170 -17.95 -7.75 -2.82
C ALA B 170 -18.49 -7.62 -4.21
N LEU B 171 -18.21 -8.59 -5.06
CA LEU B 171 -18.75 -8.56 -6.42
C LEU B 171 -20.27 -8.82 -6.38
N ALA B 172 -20.71 -9.84 -5.67
CA ALA B 172 -22.13 -10.16 -5.60
C ALA B 172 -22.95 -9.05 -4.95
N HIS B 173 -22.38 -8.31 -4.02
CA HIS B 173 -23.11 -7.25 -3.31
C HIS B 173 -22.72 -5.86 -3.77
N PHE B 174 -21.99 -5.80 -4.88
CA PHE B 174 -21.53 -4.54 -5.40
C PHE B 174 -22.72 -3.53 -5.48
N GLN B 175 -22.53 -2.35 -4.92
CA GLN B 175 -23.58 -1.32 -4.86
C GLN B 175 -23.99 -0.72 -6.21
N GLY B 176 -23.22 -1.02 -7.25
CA GLY B 176 -23.52 -0.55 -8.61
C GLY B 176 -22.82 0.77 -8.94
N LYS B 177 -22.58 0.98 -10.22
CA LYS B 177 -21.82 2.12 -10.71
C LYS B 177 -22.46 3.44 -10.30
N ASN B 178 -23.75 3.56 -10.54
CA ASN B 178 -24.47 4.80 -10.23
C ASN B 178 -24.27 5.23 -8.78
N ASN B 179 -24.64 4.35 -7.86
CA ASN B 179 -24.58 4.69 -6.43
C ASN B 179 -23.15 4.91 -5.94
N LEU B 180 -22.23 4.09 -6.43
CA LEU B 180 -20.82 4.23 -6.07
C LEU B 180 -20.35 5.61 -6.47
N LEU B 181 -20.65 6.00 -7.72
CA LEU B 181 -20.21 7.29 -8.27
C LEU B 181 -20.89 8.46 -7.58
N ARG B 182 -22.17 8.32 -7.21
CA ARG B 182 -22.83 9.34 -6.40
C ARG B 182 -22.22 9.51 -5.00
N ARG B 183 -21.89 8.38 -4.37
CA ARG B 183 -21.30 8.38 -3.03
C ARG B 183 -19.87 8.87 -3.02
N LEU B 184 -19.13 8.51 -4.06
CA LEU B 184 -17.79 9.04 -4.26
C LEU B 184 -17.79 10.54 -4.48
N ASN B 185 -18.73 11.01 -5.28
CA ASN B 185 -18.87 12.42 -5.47
C ASN B 185 -19.11 13.15 -4.16
N ALA B 186 -20.09 12.65 -3.42
CA ALA B 186 -20.43 13.18 -2.10
C ALA B 186 -19.18 13.18 -1.20
N LEU B 187 -18.42 12.10 -1.26
CA LEU B 187 -17.21 11.95 -0.46
C LEU B 187 -16.20 13.04 -0.81
N LYS B 188 -15.92 13.20 -2.07
CA LYS B 188 -14.91 14.15 -2.52
C LYS B 188 -15.25 15.62 -2.19
N ARG B 189 -16.53 15.93 -2.15
CA ARG B 189 -17.01 17.31 -1.96
C ARG B 189 -17.15 17.70 -0.50
N ALA B 190 -17.22 16.72 0.37
CA ALA B 190 -17.28 16.98 1.82
C ALA B 190 -16.03 17.77 2.22
N ASP B 191 -16.25 18.92 2.88
CA ASP B 191 -15.16 19.80 3.35
C ASP B 191 -15.49 20.41 4.70
N PHE B 192 -14.90 19.85 5.73
CA PHE B 192 -15.14 20.32 7.10
C PHE B 192 -14.08 21.25 7.62
N SER B 193 -13.17 21.68 6.76
CA SER B 193 -12.03 22.46 7.23
C SER B 193 -12.46 23.80 7.91
N HIS B 194 -13.56 24.37 7.48
CA HIS B 194 -14.07 25.60 8.08
C HIS B 194 -15.17 25.41 9.08
N HIS B 195 -15.55 24.17 9.32
CA HIS B 195 -16.65 23.87 10.24
C HIS B 195 -16.19 23.11 11.48
N ALA B 196 -14.92 22.70 11.54
CA ALA B 196 -14.42 21.83 12.61
C ALA B 196 -14.55 22.47 13.98
N ASP B 197 -14.41 23.80 14.03
CA ASP B 197 -14.70 24.62 15.22
C ASP B 197 -16.01 24.31 15.88
N ARG B 198 -17.04 24.12 15.06
CA ARG B 198 -18.42 23.98 15.55
C ARG B 198 -18.64 22.56 16.09
N ILE B 199 -17.79 21.60 15.70
CA ILE B 199 -17.85 20.23 16.23
C ILE B 199 -17.31 20.27 17.64
N ARG B 200 -18.20 20.47 18.60
CA ARG B 200 -17.83 20.74 19.97
C ARG B 200 -17.86 19.52 20.90
N CYS B 201 -18.44 18.41 20.46
CA CYS B 201 -18.40 17.17 21.26
C CYS B 201 -17.00 16.59 21.37
N PRO B 202 -16.75 15.76 22.40
CA PRO B 202 -15.46 15.07 22.43
C PRO B 202 -15.24 14.18 21.19
N VAL B 203 -14.01 14.18 20.70
CA VAL B 203 -13.66 13.44 19.51
C VAL B 203 -12.41 12.60 19.72
N GLN B 204 -12.46 11.34 19.28
CA GLN B 204 -11.25 10.51 19.19
C GLN B 204 -10.93 10.27 17.72
N ILE B 205 -9.65 10.44 17.41
CA ILE B 205 -9.11 10.25 16.07
C ILE B 205 -8.21 9.05 16.11
N ILE B 206 -8.57 8.01 15.37
CA ILE B 206 -7.79 6.77 15.32
C ILE B 206 -7.34 6.61 13.91
N CYS B 207 -6.06 6.38 13.74
CA CYS B 207 -5.53 6.15 12.41
C CYS B 207 -4.43 5.10 12.45
N ALA B 208 -4.04 4.63 11.28
CA ALA B 208 -2.97 3.65 11.12
C ALA B 208 -1.85 4.21 10.22
N SER B 209 -0.62 4.10 10.68
CA SER B 209 0.52 4.66 9.97
C SER B 209 0.67 4.16 8.55
N ASP B 210 0.14 2.97 8.30
CA ASP B 210 0.30 2.32 7.02
C ASP B 210 -0.96 2.37 6.16
N ASP B 211 -1.87 3.28 6.47
CA ASP B 211 -3.06 3.48 5.67
C ASP B 211 -2.60 3.98 4.30
N LEU B 212 -2.90 3.21 3.25
CA LEU B 212 -2.48 3.56 1.89
C LEU B 212 -3.42 4.57 1.24
N LEU B 213 -4.68 4.59 1.65
CA LEU B 213 -5.70 5.40 0.95
C LEU B 213 -5.80 6.82 1.48
N VAL B 214 -5.72 6.94 2.80
CA VAL B 214 -5.78 8.21 3.51
C VAL B 214 -4.49 8.35 4.33
N PRO B 215 -3.63 9.30 3.97
CA PRO B 215 -2.45 9.52 4.79
C PRO B 215 -2.81 10.04 6.19
N THR B 216 -2.07 9.62 7.21
CA THR B 216 -2.45 9.93 8.60
C THR B 216 -2.29 11.41 8.84
N ALA B 217 -1.54 12.10 7.98
CA ALA B 217 -1.52 13.57 8.04
C ALA B 217 -2.96 14.11 8.01
N CYS B 218 -3.91 13.40 7.40
CA CYS B 218 -5.34 13.82 7.46
C CYS B 218 -5.87 13.81 8.88
N SER B 219 -5.49 12.78 9.64
CA SER B 219 -5.88 12.70 11.06
C SER B 219 -5.19 13.80 11.90
N SER B 220 -3.93 14.07 11.58
CA SER B 220 -3.20 15.18 12.22
C SER B 220 -3.88 16.52 11.96
N GLU B 221 -4.29 16.74 10.72
CA GLU B 221 -5.09 17.90 10.34
C GLU B 221 -6.40 18.01 11.12
N LEU B 222 -7.12 16.90 11.20
CA LEU B 222 -8.36 16.81 11.98
C LEU B 222 -8.13 17.20 13.42
N HIS B 223 -7.07 16.62 13.99
CA HIS B 223 -6.74 16.81 15.38
C HIS B 223 -6.38 18.28 15.66
N ALA B 224 -5.65 18.94 14.74
CA ALA B 224 -5.30 20.32 14.90
C ALA B 224 -6.54 21.20 14.79
N ALA B 225 -7.52 20.81 13.99
CA ALA B 225 -8.69 21.65 13.73
C ALA B 225 -9.79 21.49 14.79
N LEU B 226 -9.86 20.34 15.44
CA LEU B 226 -10.99 20.10 16.33
C LEU B 226 -10.74 20.67 17.72
N PRO B 227 -11.76 21.28 18.32
CA PRO B 227 -11.59 21.86 19.67
C PRO B 227 -11.30 20.84 20.80
N ASP B 228 -11.90 19.65 20.74
CA ASP B 228 -11.73 18.65 21.81
C ASP B 228 -11.51 17.25 21.24
N SER B 229 -10.28 17.00 20.82
CA SER B 229 -9.93 15.72 20.21
C SER B 229 -8.67 15.12 20.84
N GLN B 230 -8.59 13.79 20.75
CA GLN B 230 -7.42 13.00 21.11
C GLN B 230 -7.12 12.15 19.89
N LYS B 231 -5.83 11.97 19.60
CA LYS B 231 -5.42 11.22 18.43
C LYS B 231 -4.59 9.99 18.83
N VAL B 233 -2.55 6.62 17.09
CA VAL B 233 -2.02 6.14 15.84
C VAL B 233 -1.64 4.69 16.03
N PRO B 235 0.40 1.47 14.75
CA PRO B 235 1.59 1.41 13.91
C PRO B 235 1.35 0.68 12.58
N TYR B 236 0.42 -0.28 12.58
CA TYR B 236 0.10 -1.10 11.41
C TYR B 236 -1.40 -1.44 11.37
N GLY B 237 -1.88 -1.86 10.22
CA GLY B 237 -3.24 -2.33 10.07
C GLY B 237 -3.97 -1.82 8.84
N GLY B 238 -3.47 -0.73 8.27
CA GLY B 238 -3.99 -0.25 7.01
C GLY B 238 -5.23 0.60 7.16
N HIS B 239 -5.83 0.96 6.04
CA HIS B 239 -7.06 1.71 6.08
C HIS B 239 -8.13 0.97 6.90
N ALA B 240 -8.22 -0.34 6.72
CA ALA B 240 -9.18 -1.21 7.42
C ALA B 240 -8.58 -1.77 8.71
N CYS B 241 -8.00 -0.89 9.52
CA CYS B 241 -7.19 -1.27 10.67
C CYS B 241 -8.00 -1.93 11.78
N ASN B 242 -9.29 -1.60 11.88
CA ASN B 242 -10.20 -2.35 12.74
C ASN B 242 -10.54 -3.80 12.34
N VAL B 243 -10.33 -4.10 11.06
CA VAL B 243 -10.49 -5.47 10.50
C VAL B 243 -9.19 -6.27 10.66
N THR B 244 -8.06 -5.63 10.43
CA THR B 244 -6.77 -6.35 10.33
C THR B 244 -6.11 -6.58 11.68
N ASP B 245 -6.26 -5.62 12.60
CA ASP B 245 -5.74 -5.74 13.94
C ASP B 245 -6.82 -5.36 14.97
N PRO B 246 -7.89 -6.15 15.04
CA PRO B 246 -8.95 -5.78 15.93
C PRO B 246 -8.52 -5.77 17.40
N GLU B 247 -7.49 -6.52 17.78
CA GLU B 247 -7.11 -6.55 19.21
C GLU B 247 -6.62 -5.19 19.67
N THR B 248 -5.71 -4.59 18.88
CA THR B 248 -5.25 -3.25 19.19
C THR B 248 -6.38 -2.26 18.97
N PHE B 249 -7.11 -2.41 17.87
CA PHE B 249 -8.15 -1.42 17.58
C PHE B 249 -9.20 -1.39 18.68
N ASN B 250 -9.68 -2.56 19.04
CA ASN B 250 -10.74 -2.69 20.02
C ASN B 250 -10.37 -2.07 21.38
N ALA B 251 -9.13 -2.27 21.82
CA ALA B 251 -8.65 -1.66 23.07
C ALA B 251 -8.66 -0.12 22.95
N LEU B 252 -8.20 0.43 21.82
CA LEU B 252 -8.27 1.89 21.59
C LEU B 252 -9.72 2.37 21.56
N LEU B 253 -10.59 1.60 20.88
CA LEU B 253 -11.99 1.99 20.77
C LEU B 253 -12.70 2.00 22.11
N LEU B 254 -12.57 0.90 22.89
CA LEU B 254 -13.27 0.78 24.22
C LEU B 254 -12.78 1.82 25.22
N ASN B 255 -11.47 2.03 25.27
CA ASN B 255 -10.93 3.06 26.14
C ASN B 255 -11.31 4.45 25.67
N GLY B 256 -11.32 4.63 24.36
CA GLY B 256 -11.69 5.91 23.77
C GLY B 256 -13.13 6.27 24.01
N LEU B 257 -14.04 5.34 23.72
CA LEU B 257 -15.46 5.61 23.97
C LEU B 257 -15.69 5.96 25.42
N ALA B 258 -15.11 5.20 26.34
CA ALA B 258 -15.35 5.43 27.77
C ALA B 258 -14.79 6.80 28.18
N SER B 259 -13.57 7.09 27.77
CA SER B 259 -12.94 8.42 27.99
C SER B 259 -13.81 9.57 27.42
N LEU B 260 -14.25 9.45 26.19
CA LEU B 260 -15.00 10.54 25.57
C LEU B 260 -16.39 10.75 26.20
N LEU B 261 -17.07 9.67 26.56
CA LEU B 261 -18.40 9.80 27.21
C LEU B 261 -18.27 10.39 28.60
N HIS B 262 -17.12 10.19 29.24
CA HIS B 262 -16.83 10.65 30.60
C HIS B 262 -16.15 12.02 30.69
N HIS B 263 -15.56 12.50 29.59
CA HIS B 263 -15.17 13.93 29.50
C HIS B 263 -16.33 14.76 28.98
N ARG B 264 -17.45 14.10 28.65
CA ARG B 264 -18.73 14.73 28.32
C ARG B 264 -19.65 14.70 29.55
#